data_3RNS
#
_entry.id   3RNS
#
_cell.length_a   58.684
_cell.length_b   58.684
_cell.length_c   143.542
_cell.angle_alpha   90.000
_cell.angle_beta   90.000
_cell.angle_gamma   90.000
#
_symmetry.space_group_name_H-M   'P 41 21 2'
#
loop_
_entity.id
_entity.type
_entity.pdbx_description
1 polymer 'Cupin 2 conserved barrel domain protein'
2 non-polymer 'ACETATE ION'
3 water water
#
_entity_poly.entity_id   1
_entity_poly.type   'polypeptide(L)'
_entity_poly.pdbx_seq_one_letter_code
;SNA(MSE)VKIEVAKPINFNRLITSKEAEVVS(MSE)RILNQPNSYISLFSLAKDEEITAEA(MSE)LGNRYYYCFNGNG
EIFIENNKKTISNGDFLEITANHNYSIEARDNLKLIEIGEKIGDGN(MSE)ENKTLK(MSE)LESASAFNLAEVVEYQEG
KIVSKNLVAKPNLV(MSE)TI(MSE)SFWKGESLDPHKAPGDALVTVLDGEGKYYVDGKPFIVKKGESAVLPANIPHAVE
AETENFK(MSE)LLILVKE
;
_entity_poly.pdbx_strand_id   A
#
# COMPACT_ATOMS: atom_id res chain seq x y z
N ALA A 3 -6.24 -17.93 1.38
CA ALA A 3 -5.43 -18.34 2.57
C ALA A 3 -4.16 -17.47 2.71
N VAL A 5 -3.36 -15.29 -0.33
CA VAL A 5 -3.97 -14.16 -0.99
C VAL A 5 -5.46 -14.26 -0.77
N LYS A 6 -6.03 -13.27 -0.10
CA LYS A 6 -7.43 -13.39 0.34
C LYS A 6 -8.36 -12.54 -0.51
N ILE A 7 -7.82 -11.90 -1.56
CA ILE A 7 -8.62 -11.23 -2.57
C ILE A 7 -8.30 -11.84 -3.92
N GLU A 8 -9.13 -11.59 -4.91
CA GLU A 8 -8.88 -12.02 -6.29
CA GLU A 8 -8.86 -12.07 -6.28
C GLU A 8 -7.62 -11.37 -6.88
N VAL A 9 -6.81 -12.17 -7.60
CA VAL A 9 -5.64 -11.70 -8.29
C VAL A 9 -5.94 -11.21 -9.71
N ALA A 10 -5.03 -10.39 -10.25
CA ALA A 10 -5.02 -9.98 -11.64
C ALA A 10 -6.31 -9.24 -11.98
N LYS A 11 -6.79 -8.42 -11.04
CA LYS A 11 -8.06 -7.72 -11.16
C LYS A 11 -7.98 -6.38 -10.39
N PRO A 12 -8.46 -5.27 -10.99
CA PRO A 12 -8.46 -3.98 -10.27
C PRO A 12 -9.52 -4.01 -9.17
N ILE A 13 -9.15 -3.54 -7.98
CA ILE A 13 -10.02 -3.47 -6.83
C ILE A 13 -9.89 -2.11 -6.21
N ASN A 14 -11.02 -1.49 -5.92
CA ASN A 14 -11.04 -0.23 -5.23
C ASN A 14 -11.16 -0.43 -3.69
N PHE A 15 -10.07 -0.25 -2.94
CA PHE A 15 -10.09 -0.52 -1.48
C PHE A 15 -11.03 0.42 -0.76
N ASN A 16 -11.17 1.63 -1.29
CA ASN A 16 -12.14 2.54 -0.71
C ASN A 16 -13.60 1.95 -0.68
N ARG A 17 -13.93 1.16 -1.68
CA ARG A 17 -15.22 0.52 -1.74
C ARG A 17 -15.16 -0.81 -1.00
N LEU A 18 -14.01 -1.48 -1.02
CA LEU A 18 -13.91 -2.84 -0.45
C LEU A 18 -14.10 -2.81 1.05
N ILE A 19 -13.59 -1.79 1.71
CA ILE A 19 -13.62 -1.76 3.17
C ILE A 19 -14.22 -0.45 3.64
N THR A 20 -15.21 -0.58 4.51
CA THR A 20 -15.97 0.54 4.98
C THR A 20 -16.30 0.26 6.48
N SER A 21 -16.56 1.31 7.26
CA SER A 21 -17.01 1.18 8.65
C SER A 21 -18.24 2.07 8.90
N LYS A 22 -19.16 1.60 9.73
CA LYS A 22 -20.26 2.47 10.22
CA LYS A 22 -20.26 2.46 10.21
C LYS A 22 -19.82 3.15 11.50
N GLU A 23 -20.68 3.99 12.08
CA GLU A 23 -20.33 4.76 13.29
CA GLU A 23 -20.33 4.76 13.27
C GLU A 23 -19.78 3.84 14.36
N ALA A 24 -18.71 4.27 15.02
CA ALA A 24 -18.12 3.56 16.17
C ALA A 24 -17.52 2.16 15.89
N GLU A 25 -17.32 1.80 14.62
CA GLU A 25 -16.73 0.53 14.26
C GLU A 25 -15.29 0.70 13.80
N VAL A 26 -14.48 -0.31 14.03
CA VAL A 26 -13.19 -0.48 13.35
C VAL A 26 -13.31 -1.79 12.61
N VAL A 27 -13.06 -1.74 11.32
CA VAL A 27 -13.14 -2.91 10.47
C VAL A 27 -11.77 -3.19 9.93
N SER A 28 -11.41 -4.47 9.90
CA SER A 28 -10.14 -4.88 9.33
C SER A 28 -10.26 -6.14 8.50
N ARG A 30 -7.38 -8.94 6.44
CA ARG A 30 -6.08 -9.33 5.97
CA ARG A 30 -6.09 -9.38 5.97
C ARG A 30 -6.20 -9.57 4.46
N ILE A 31 -5.31 -9.01 3.68
CA ILE A 31 -5.42 -9.29 2.26
C ILE A 31 -4.27 -10.21 1.71
N LEU A 32 -3.04 -10.09 2.23
CA LEU A 32 -1.94 -10.99 1.90
CA LEU A 32 -1.95 -11.00 1.91
C LEU A 32 -1.31 -11.43 3.21
N ASN A 33 -0.96 -12.70 3.32
CA ASN A 33 -0.40 -13.21 4.55
C ASN A 33 0.70 -14.22 4.24
N GLN A 34 1.90 -13.98 4.76
CA GLN A 34 3.02 -14.90 4.61
C GLN A 34 3.62 -15.17 6.00
N PRO A 35 4.52 -16.16 6.11
CA PRO A 35 5.02 -16.49 7.43
C PRO A 35 5.65 -15.31 8.18
N ASN A 36 6.31 -14.37 7.48
CA ASN A 36 6.92 -13.25 8.21
CA ASN A 36 7.06 -13.27 8.07
C ASN A 36 6.60 -11.86 7.67
N SER A 37 5.54 -11.73 6.87
CA SER A 37 5.05 -10.42 6.52
C SER A 37 3.57 -10.53 6.07
N TYR A 38 2.87 -9.42 6.07
CA TYR A 38 1.46 -9.41 5.67
C TYR A 38 1.06 -8.03 5.25
N ILE A 39 -0.11 -7.97 4.64
CA ILE A 39 -0.72 -6.72 4.28
C ILE A 39 -2.18 -6.81 4.75
N SER A 40 -2.62 -5.80 5.50
CA SER A 40 -3.99 -5.71 5.96
C SER A 40 -4.55 -4.35 5.61
N LEU A 41 -5.89 -4.28 5.53
CA LEU A 41 -6.63 -3.04 5.45
C LEU A 41 -7.43 -2.76 6.72
N PHE A 42 -7.50 -1.48 7.08
CA PHE A 42 -8.28 -0.95 8.19
C PHE A 42 -9.18 0.17 7.76
N SER A 43 -10.41 0.18 8.27
CA SER A 43 -11.27 1.37 8.21
C SER A 43 -11.73 1.71 9.60
N LEU A 44 -11.41 2.92 10.06
CA LEU A 44 -11.75 3.38 11.40
C LEU A 44 -12.80 4.48 11.30
N ALA A 45 -13.89 4.34 12.02
CA ALA A 45 -14.93 5.36 12.04
C ALA A 45 -14.38 6.51 12.83
N LYS A 46 -14.94 7.69 12.59
CA LYS A 46 -14.55 8.89 13.31
C LYS A 46 -14.45 8.66 14.77
N ASP A 47 -13.36 9.13 15.33
CA ASP A 47 -13.08 9.08 16.76
C ASP A 47 -12.74 7.71 17.30
N GLU A 48 -12.69 6.66 16.47
CA GLU A 48 -12.23 5.37 16.96
C GLU A 48 -10.72 5.33 16.95
N GLU A 49 -10.16 4.33 17.62
CA GLU A 49 -8.72 4.13 17.56
C GLU A 49 -8.27 2.67 17.54
N ILE A 50 -7.09 2.45 17.00
CA ILE A 50 -6.41 1.18 17.17
C ILE A 50 -5.17 1.47 18.04
N THR A 51 -4.86 0.57 18.97
CA THR A 51 -3.65 0.70 19.81
C THR A 51 -2.77 -0.50 19.56
N ALA A 52 -1.47 -0.28 19.44
CA ALA A 52 -0.53 -1.36 19.23
C ALA A 52 0.57 -1.28 20.26
N GLU A 53 0.83 -2.41 20.91
CA GLU A 53 1.91 -2.52 21.91
C GLU A 53 3.26 -2.66 21.16
N ALA A 54 4.37 -2.66 21.91
CA ALA A 54 5.73 -2.65 21.31
C ALA A 54 5.97 -3.88 20.40
N LEU A 56 7.05 -6.65 17.51
CA LEU A 56 8.31 -7.40 17.25
C LEU A 56 8.94 -7.03 15.89
N GLY A 57 8.12 -6.55 14.94
CA GLY A 57 8.61 -6.05 13.66
C GLY A 57 8.06 -4.68 13.28
N ASN A 58 8.61 -4.11 12.21
CA ASN A 58 8.22 -2.80 11.73
CA ASN A 58 8.21 -2.79 11.74
C ASN A 58 6.80 -2.80 11.15
N ARG A 59 6.17 -1.64 11.20
CA ARG A 59 4.86 -1.45 10.59
C ARG A 59 4.93 -0.21 9.69
N TYR A 60 4.26 -0.31 8.55
CA TYR A 60 4.17 0.76 7.59
C TYR A 60 2.69 0.93 7.26
N TYR A 61 2.28 2.18 7.05
CA TYR A 61 0.92 2.55 6.79
C TYR A 61 0.88 3.42 5.57
N TYR A 62 -0.07 3.11 4.69
CA TYR A 62 -0.43 4.02 3.59
C TYR A 62 -1.90 4.41 3.77
N CYS A 63 -2.17 5.71 3.85
CA CYS A 63 -3.53 6.20 4.09
C CYS A 63 -4.21 6.48 2.76
N PHE A 64 -5.34 5.84 2.54
CA PHE A 64 -6.11 6.05 1.32
C PHE A 64 -7.49 6.70 1.54
N ASN A 65 -7.74 7.22 2.73
CA ASN A 65 -8.98 7.97 3.00
C ASN A 65 -8.86 8.61 4.34
N GLY A 66 -9.33 9.85 4.39
CA GLY A 66 -9.53 10.53 5.64
C GLY A 66 -8.29 11.10 6.27
N ASN A 67 -8.39 11.33 7.57
CA ASN A 67 -7.40 12.04 8.34
C ASN A 67 -7.32 11.43 9.69
N GLY A 68 -6.14 11.35 10.26
CA GLY A 68 -6.00 10.95 11.64
C GLY A 68 -4.72 11.39 12.30
N GLU A 69 -4.49 10.86 13.51
CA GLU A 69 -3.36 11.22 14.34
C GLU A 69 -2.72 9.95 14.90
N ILE A 70 -1.38 9.88 14.85
CA ILE A 70 -0.67 8.74 15.37
C ILE A 70 0.14 9.25 16.54
N PHE A 71 0.06 8.56 17.66
CA PHE A 71 0.86 8.95 18.81
C PHE A 71 1.80 7.82 19.04
N ILE A 72 3.08 8.05 18.80
CA ILE A 72 4.13 7.04 18.96
C ILE A 72 4.88 7.42 20.20
N GLU A 73 4.97 6.49 21.16
CA GLU A 73 5.55 6.76 22.46
C GLU A 73 5.38 8.26 22.77
N ASN A 74 4.12 8.72 22.75
CA ASN A 74 3.79 10.11 23.15
C ASN A 74 4.35 11.19 22.20
N ASN A 75 4.07 11.06 20.90
CA ASN A 75 4.45 12.07 19.92
CA ASN A 75 4.42 12.10 19.95
C ASN A 75 3.44 12.11 18.78
N LYS A 76 2.74 13.23 18.65
CA LYS A 76 1.69 13.38 17.64
C LYS A 76 2.23 13.58 16.23
N LYS A 77 1.96 12.60 15.36
CA LYS A 77 2.14 12.75 13.92
C LYS A 77 0.75 12.81 13.32
N THR A 78 0.57 13.67 12.34
CA THR A 78 -0.68 13.76 11.60
C THR A 78 -0.55 12.89 10.32
N ILE A 79 -1.63 12.20 9.95
CA ILE A 79 -1.64 11.38 8.74
C ILE A 79 -2.89 11.70 7.96
N SER A 80 -2.73 11.81 6.65
CA SER A 80 -3.81 12.16 5.76
CA SER A 80 -3.82 12.16 5.75
C SER A 80 -3.79 11.31 4.49
N ASN A 81 -4.87 11.36 3.74
CA ASN A 81 -4.95 10.66 2.45
C ASN A 81 -3.72 10.89 1.56
N GLY A 82 -3.11 9.83 1.02
CA GLY A 82 -1.87 9.91 0.25
C GLY A 82 -0.58 9.77 1.03
N ASP A 83 -0.68 9.74 2.35
CA ASP A 83 0.52 9.71 3.17
C ASP A 83 0.97 8.30 3.48
N PHE A 84 2.30 8.19 3.65
CA PHE A 84 2.98 6.99 4.07
C PHE A 84 3.70 7.27 5.38
N LEU A 85 3.70 6.29 6.29
CA LEU A 85 4.38 6.38 7.55
C LEU A 85 4.98 5.03 7.95
N GLU A 86 6.23 5.05 8.42
CA GLU A 86 6.89 3.90 9.00
C GLU A 86 6.93 4.05 10.52
N ILE A 87 6.65 2.94 11.21
CA ILE A 87 6.75 2.84 12.66
C ILE A 87 7.70 1.69 12.96
N THR A 88 8.87 2.01 13.50
CA THR A 88 9.88 0.98 13.78
C THR A 88 9.47 0.06 14.96
N ALA A 89 10.04 -1.15 14.97
CA ALA A 89 9.84 -2.14 16.04
C ALA A 89 10.11 -1.59 17.44
N ASN A 90 9.44 -2.19 18.42
CA ASN A 90 9.62 -1.89 19.85
CA ASN A 90 9.64 -1.87 19.86
C ASN A 90 9.00 -0.54 20.27
N HIS A 91 7.97 -0.11 19.54
CA HIS A 91 7.26 1.14 19.87
C HIS A 91 5.78 0.92 20.09
N ASN A 92 5.31 1.38 21.25
CA ASN A 92 3.89 1.50 21.50
C ASN A 92 3.41 2.65 20.66
N TYR A 93 2.21 2.48 20.10
CA TYR A 93 1.54 3.55 19.40
C TYR A 93 0.03 3.39 19.43
N SER A 94 -0.66 4.46 19.11
CA SER A 94 -2.08 4.41 18.89
C SER A 94 -2.32 5.19 17.60
N ILE A 95 -3.42 4.85 16.93
CA ILE A 95 -3.92 5.59 15.74
C ILE A 95 -5.37 6.02 15.95
N GLU A 96 -5.62 7.33 15.90
CA GLU A 96 -6.95 7.90 16.10
C GLU A 96 -7.49 8.45 14.78
N ALA A 97 -8.72 8.11 14.49
CA ALA A 97 -9.40 8.62 13.32
C ALA A 97 -10.11 9.96 13.64
N ARG A 98 -9.81 11.02 12.88
CA ARG A 98 -10.49 12.32 13.01
C ARG A 98 -11.75 12.37 12.16
N ASP A 99 -11.79 11.52 11.14
CA ASP A 99 -12.96 11.29 10.30
C ASP A 99 -12.87 9.79 9.89
N ASN A 100 -13.38 9.38 8.73
CA ASN A 100 -13.28 7.95 8.36
C ASN A 100 -11.90 7.65 7.77
N LEU A 101 -11.01 7.13 8.60
CA LEU A 101 -9.61 6.91 8.27
C LEU A 101 -9.46 5.50 7.73
N LYS A 102 -8.86 5.38 6.55
CA LYS A 102 -8.63 4.06 5.98
C LYS A 102 -7.15 3.90 5.71
N LEU A 103 -6.63 2.72 6.01
CA LEU A 103 -5.18 2.50 6.00
C LEU A 103 -4.88 1.17 5.41
N ILE A 104 -3.81 1.09 4.62
CA ILE A 104 -3.16 -0.17 4.34
C ILE A 104 -2.07 -0.33 5.40
N GLU A 105 -2.02 -1.47 6.09
CA GLU A 105 -1.02 -1.76 7.08
C GLU A 105 -0.14 -2.88 6.53
N ILE A 106 1.16 -2.66 6.48
CA ILE A 106 2.12 -3.64 5.99
C ILE A 106 2.99 -3.94 7.18
N GLY A 107 3.09 -5.18 7.57
CA GLY A 107 3.88 -5.56 8.68
C GLY A 107 4.86 -6.65 8.44
N GLU A 108 6.01 -6.58 9.13
CA GLU A 108 6.94 -7.70 9.31
CA GLU A 108 6.88 -7.75 9.27
C GLU A 108 6.57 -8.35 10.62
N LYS A 109 6.45 -9.68 10.65
CA LYS A 109 6.05 -10.30 11.90
C LYS A 109 7.21 -10.30 12.97
N ILE A 110 8.41 -10.75 12.59
CA ILE A 110 9.57 -10.70 13.52
C ILE A 110 10.78 -9.93 12.96
N SER A 127 8.14 10.78 10.68
CA SER A 127 7.17 11.68 10.02
C SER A 127 6.44 11.13 8.76
N ALA A 128 5.11 11.31 8.69
CA ALA A 128 4.32 10.90 7.52
C ALA A 128 4.60 11.85 6.36
N PHE A 129 4.64 11.31 5.14
CA PHE A 129 4.86 12.12 3.96
C PHE A 129 4.00 11.66 2.78
N ASN A 130 3.71 12.58 1.85
CA ASN A 130 2.94 12.25 0.66
C ASN A 130 3.79 11.39 -0.25
N LEU A 131 3.27 10.21 -0.59
CA LEU A 131 4.02 9.22 -1.33
C LEU A 131 4.20 9.60 -2.80
N ALA A 132 3.12 10.05 -3.45
CA ALA A 132 3.15 10.39 -4.89
C ALA A 132 4.19 11.50 -5.17
N GLU A 133 4.30 12.42 -4.24
CA GLU A 133 5.20 13.54 -4.44
CA GLU A 133 5.20 13.57 -4.31
C GLU A 133 6.68 13.18 -4.27
N VAL A 134 6.98 11.97 -3.84
CA VAL A 134 8.37 11.58 -3.63
C VAL A 134 9.10 11.20 -4.94
N VAL A 135 8.34 10.83 -5.95
CA VAL A 135 8.89 10.62 -7.27
C VAL A 135 8.26 11.59 -8.25
N GLU A 136 9.09 12.17 -9.07
CA GLU A 136 8.64 13.05 -10.11
C GLU A 136 8.43 12.29 -11.42
N TYR A 137 7.50 12.74 -12.25
CA TYR A 137 7.53 12.39 -13.66
C TYR A 137 8.79 12.97 -14.40
N GLN A 138 9.38 12.14 -15.26
CA GLN A 138 10.42 12.58 -16.18
C GLN A 138 10.11 12.02 -17.57
N GLU A 139 10.27 12.86 -18.56
CA GLU A 139 9.83 12.55 -19.92
C GLU A 139 10.59 11.34 -20.50
N GLY A 140 9.82 10.37 -20.96
CA GLY A 140 10.35 9.16 -21.59
C GLY A 140 10.96 8.19 -20.60
N LYS A 141 10.76 8.42 -19.28
CA LYS A 141 11.48 7.69 -18.23
C LYS A 141 10.57 7.01 -17.23
N ILE A 142 11.14 5.99 -16.58
CA ILE A 142 10.59 5.37 -15.36
C ILE A 142 11.54 5.75 -14.23
N VAL A 143 11.00 6.35 -13.17
CA VAL A 143 11.79 6.74 -12.00
C VAL A 143 11.34 5.87 -10.88
N SER A 144 12.27 5.17 -10.25
CA SER A 144 11.93 4.22 -9.18
CA SER A 144 11.92 4.23 -9.18
C SER A 144 12.71 4.58 -7.90
N LYS A 145 12.04 4.59 -6.75
CA LYS A 145 12.65 4.87 -5.46
C LYS A 145 12.22 3.78 -4.51
N ASN A 146 13.19 3.00 -4.08
CA ASN A 146 12.96 1.94 -3.13
C ASN A 146 12.74 2.51 -1.75
N LEU A 147 11.69 2.08 -1.07
CA LEU A 147 11.37 2.54 0.29
C LEU A 147 11.89 1.56 1.31
N VAL A 148 11.62 0.27 1.11
CA VAL A 148 12.08 -0.81 2.00
C VAL A 148 12.61 -1.95 1.17
N ALA A 149 13.72 -2.56 1.56
CA ALA A 149 14.25 -3.73 0.86
C ALA A 149 14.79 -4.73 1.90
N LYS A 150 14.04 -5.81 2.13
CA LYS A 150 14.30 -6.81 3.17
C LYS A 150 13.98 -8.19 2.62
N PRO A 151 14.43 -9.25 3.29
CA PRO A 151 14.20 -10.53 2.63
C PRO A 151 12.72 -10.97 2.57
N ASN A 152 11.85 -10.39 3.39
CA ASN A 152 10.44 -10.76 3.33
CA ASN A 152 10.43 -10.73 3.42
C ASN A 152 9.54 -9.65 2.81
N LEU A 153 10.12 -8.49 2.51
CA LEU A 153 9.33 -7.33 2.15
C LEU A 153 10.12 -6.30 1.34
N VAL A 154 9.54 -5.93 0.20
CA VAL A 154 10.10 -4.88 -0.66
C VAL A 154 9.00 -3.91 -1.01
N THR A 156 8.40 -0.19 -3.12
CA THR A 156 9.00 0.71 -4.07
C THR A 156 7.94 1.59 -4.67
N ILE A 157 8.27 2.86 -4.89
CA ILE A 157 7.39 3.77 -5.60
CA ILE A 157 7.37 3.73 -5.63
C ILE A 157 7.99 4.08 -6.98
N SER A 159 7.33 6.18 -10.95
CA SER A 159 6.61 7.01 -11.93
C SER A 159 6.94 6.52 -13.35
N PHE A 160 5.92 6.49 -14.20
CA PHE A 160 6.07 6.01 -15.58
C PHE A 160 5.56 7.16 -16.47
N TRP A 161 6.40 7.61 -17.39
CA TRP A 161 5.92 8.51 -18.43
C TRP A 161 5.14 7.67 -19.45
N LYS A 162 4.09 8.25 -20.01
CA LYS A 162 3.29 7.60 -21.05
C LYS A 162 4.17 6.97 -22.11
N GLY A 163 3.88 5.73 -22.48
CA GLY A 163 4.70 5.00 -23.44
C GLY A 163 5.76 4.15 -22.85
N GLU A 164 6.11 4.34 -21.58
CA GLU A 164 7.12 3.47 -20.93
CA GLU A 164 7.12 3.48 -20.94
C GLU A 164 6.45 2.20 -20.41
N SER A 165 7.23 1.12 -20.33
CA SER A 165 6.74 -0.17 -19.95
C SER A 165 7.82 -1.01 -19.31
N LEU A 166 7.41 -1.99 -18.51
CA LEU A 166 8.25 -3.08 -18.13
C LEU A 166 7.83 -4.33 -18.91
N ASP A 167 8.82 -5.03 -19.45
CA ASP A 167 8.61 -6.30 -20.14
C ASP A 167 8.18 -7.37 -19.12
N PRO A 168 7.57 -8.47 -19.62
CA PRO A 168 7.11 -9.52 -18.72
C PRO A 168 8.22 -10.05 -17.83
N HIS A 169 7.91 -10.22 -16.55
CA HIS A 169 8.89 -10.75 -15.59
C HIS A 169 8.15 -11.41 -14.41
N LYS A 170 8.88 -12.12 -13.57
CA LYS A 170 8.33 -12.79 -12.41
C LYS A 170 8.96 -12.27 -11.14
N ALA A 171 8.18 -12.31 -10.06
CA ALA A 171 8.71 -12.04 -8.73
C ALA A 171 8.53 -13.29 -7.91
N PRO A 172 9.41 -13.49 -6.91
CA PRO A 172 9.28 -14.67 -6.06
C PRO A 172 8.21 -14.50 -4.94
N GLY A 173 7.46 -13.42 -4.94
CA GLY A 173 6.36 -13.27 -4.01
C GLY A 173 5.17 -12.64 -4.71
N ASP A 174 4.07 -12.49 -3.95
CA ASP A 174 2.88 -11.82 -4.44
C ASP A 174 3.09 -10.34 -4.28
N ALA A 175 2.76 -9.58 -5.31
CA ALA A 175 2.89 -8.15 -5.26
C ALA A 175 1.51 -7.50 -5.27
N LEU A 176 1.33 -6.54 -4.40
CA LEU A 176 0.20 -5.65 -4.44
C LEU A 176 0.65 -4.32 -5.07
N VAL A 177 0.00 -3.90 -6.13
CA VAL A 177 0.27 -2.61 -6.73
C VAL A 177 -0.93 -1.70 -6.48
N THR A 178 -0.65 -0.46 -6.16
CA THR A 178 -1.67 0.57 -5.98
C THR A 178 -1.30 1.79 -6.83
N VAL A 179 -2.25 2.28 -7.61
CA VAL A 179 -1.97 3.38 -8.50
C VAL A 179 -2.26 4.65 -7.76
N LEU A 180 -1.24 5.51 -7.68
CA LEU A 180 -1.32 6.75 -6.92
C LEU A 180 -1.74 7.96 -7.74
N ASP A 181 -1.61 7.89 -9.06
CA ASP A 181 -1.84 9.01 -9.97
C ASP A 181 -1.97 8.43 -11.35
N GLY A 182 -2.90 8.96 -12.13
CA GLY A 182 -3.13 8.47 -13.49
C GLY A 182 -3.74 7.08 -13.54
N GLU A 183 -3.35 6.30 -14.55
CA GLU A 183 -3.82 4.96 -14.63
C GLU A 183 -2.83 4.18 -15.43
N GLY A 184 -2.72 2.91 -15.05
CA GLY A 184 -1.73 2.01 -15.65
C GLY A 184 -2.35 0.77 -16.22
N LYS A 185 -1.70 0.23 -17.23
CA LYS A 185 -2.18 -0.97 -17.87
C LYS A 185 -1.30 -2.12 -17.46
N TYR A 186 -1.86 -3.05 -16.71
CA TYR A 186 -1.09 -4.20 -16.23
C TYR A 186 -1.42 -5.45 -17.00
N TYR A 187 -0.48 -6.38 -17.03
CA TYR A 187 -0.69 -7.66 -17.63
C TYR A 187 -0.26 -8.73 -16.65
N VAL A 188 -1.07 -9.79 -16.54
CA VAL A 188 -0.67 -10.97 -15.78
C VAL A 188 -0.86 -12.16 -16.70
N ASP A 189 0.24 -12.86 -16.95
CA ASP A 189 0.25 -14.02 -17.85
C ASP A 189 -0.46 -13.64 -19.18
N GLY A 190 -0.03 -12.53 -19.77
CA GLY A 190 -0.64 -12.03 -21.00
C GLY A 190 -2.00 -11.34 -20.92
N LYS A 191 -2.73 -11.48 -19.81
CA LYS A 191 -4.02 -10.83 -19.70
C LYS A 191 -3.97 -9.36 -19.20
N PRO A 192 -4.51 -8.41 -19.97
CA PRO A 192 -4.50 -6.96 -19.68
C PRO A 192 -5.65 -6.45 -18.80
N PHE A 193 -5.35 -5.46 -17.98
CA PHE A 193 -6.38 -4.80 -17.19
C PHE A 193 -5.81 -3.47 -16.75
N ILE A 194 -6.71 -2.51 -16.65
CA ILE A 194 -6.35 -1.18 -16.28
C ILE A 194 -6.56 -1.04 -14.79
N VAL A 195 -5.60 -0.43 -14.12
CA VAL A 195 -5.72 -0.05 -12.72
C VAL A 195 -5.66 1.47 -12.66
N LYS A 196 -6.76 2.09 -12.20
CA LYS A 196 -6.90 3.51 -12.14
C LYS A 196 -6.46 4.06 -10.81
N LYS A 197 -6.32 5.38 -10.75
CA LYS A 197 -5.90 6.01 -9.50
C LYS A 197 -6.87 5.59 -8.39
N GLY A 198 -6.34 5.20 -7.23
CA GLY A 198 -7.15 4.74 -6.11
C GLY A 198 -7.43 3.24 -6.16
N GLU A 199 -7.06 2.56 -7.23
CA GLU A 199 -7.29 1.10 -7.31
C GLU A 199 -6.01 0.36 -7.10
N SER A 200 -6.16 -0.91 -6.76
CA SER A 200 -5.05 -1.80 -6.51
C SER A 200 -5.27 -3.13 -7.21
N ALA A 201 -4.22 -3.91 -7.31
CA ALA A 201 -4.31 -5.27 -7.84
C ALA A 201 -3.19 -6.13 -7.28
N VAL A 202 -3.43 -7.43 -7.27
CA VAL A 202 -2.40 -8.38 -6.89
C VAL A 202 -1.81 -9.05 -8.13
N LEU A 203 -0.48 -9.05 -8.22
CA LEU A 203 0.23 -9.75 -9.27
C LEU A 203 0.82 -10.94 -8.56
N PRO A 204 0.30 -12.14 -8.86
CA PRO A 204 0.70 -13.34 -8.10
C PRO A 204 2.11 -13.87 -8.37
N ALA A 205 2.63 -14.55 -7.35
CA ALA A 205 3.99 -15.06 -7.31
C ALA A 205 4.24 -15.98 -8.47
N ASN A 206 5.43 -15.91 -9.05
CA ASN A 206 5.91 -16.90 -10.02
C ASN A 206 5.13 -16.98 -11.33
N ILE A 207 4.36 -15.92 -11.62
CA ILE A 207 3.58 -15.82 -12.83
C ILE A 207 4.00 -14.55 -13.56
N PRO A 208 4.25 -14.64 -14.87
CA PRO A 208 4.80 -13.42 -15.43
C PRO A 208 3.81 -12.25 -15.39
N HIS A 209 4.31 -11.04 -15.17
CA HIS A 209 3.48 -9.83 -15.28
C HIS A 209 4.28 -8.72 -15.99
N ALA A 210 3.57 -7.70 -16.41
CA ALA A 210 4.15 -6.54 -17.10
C ALA A 210 3.23 -5.35 -16.86
N VAL A 211 3.74 -4.18 -17.18
CA VAL A 211 3.00 -2.93 -17.01
C VAL A 211 3.42 -1.93 -18.07
N GLU A 212 2.50 -1.07 -18.42
CA GLU A 212 2.70 -0.10 -19.45
C GLU A 212 1.91 1.14 -19.11
N ALA A 213 2.52 2.31 -19.30
CA ALA A 213 1.80 3.58 -19.26
C ALA A 213 1.16 3.79 -20.63
N GLU A 214 0.00 3.18 -20.83
CA GLU A 214 -0.56 3.08 -22.17
C GLU A 214 -1.21 4.40 -22.65
N THR A 215 -2.07 5.01 -21.87
CA THR A 215 -2.83 6.19 -22.28
C THR A 215 -2.35 7.47 -21.57
N GLU A 216 -1.62 7.35 -20.45
CA GLU A 216 -1.15 8.56 -19.78
C GLU A 216 -0.07 8.23 -18.75
N ASN A 217 0.53 9.26 -18.19
CA ASN A 217 1.52 9.07 -17.14
C ASN A 217 0.87 8.45 -15.91
N PHE A 218 1.60 7.60 -15.18
CA PHE A 218 1.05 7.10 -13.93
C PHE A 218 2.12 6.88 -12.87
N LYS A 219 1.69 6.83 -11.62
CA LYS A 219 2.57 6.46 -10.51
C LYS A 219 1.94 5.28 -9.74
N LEU A 221 2.71 2.47 -6.19
CA LEU A 221 3.40 1.85 -5.10
C LEU A 221 3.33 0.34 -5.28
N LEU A 222 4.45 -0.31 -5.11
CA LEU A 222 4.58 -1.77 -5.20
C LEU A 222 4.97 -2.32 -3.84
N ILE A 223 4.18 -3.28 -3.35
CA ILE A 223 4.48 -3.93 -2.08
C ILE A 223 4.58 -5.39 -2.44
N LEU A 224 5.80 -5.92 -2.34
CA LEU A 224 6.08 -7.33 -2.58
C LEU A 224 6.35 -8.05 -1.26
N VAL A 225 5.53 -9.06 -0.97
CA VAL A 225 5.72 -9.91 0.21
C VAL A 225 6.23 -11.28 -0.22
N LYS A 226 7.36 -11.68 0.38
CA LYS A 226 8.20 -12.83 -0.07
C LYS A 226 8.30 -13.85 1.07
#